data_5WIA
# 
_entry.id   5WIA 
# 
_audit_conform.dict_name       mmcif_pdbx.dic 
_audit_conform.dict_version    5.389 
_audit_conform.dict_location   http://mmcif.pdb.org/dictionaries/ascii/mmcif_pdbx.dic 
# 
loop_
_database_2.database_id 
_database_2.database_code 
_database_2.pdbx_database_accession 
_database_2.pdbx_DOI 
PDB   5WIA         pdb_00005wia 10.2210/pdb5wia/pdb 
WWPDB D_1000229074 ?            ?                   
# 
loop_
_pdbx_audit_revision_history.ordinal 
_pdbx_audit_revision_history.data_content_type 
_pdbx_audit_revision_history.major_revision 
_pdbx_audit_revision_history.minor_revision 
_pdbx_audit_revision_history.revision_date 
1 'Structure model' 1 0 2018-04-25 
2 'Structure model' 1 1 2018-05-30 
3 'Structure model' 1 2 2018-06-06 
4 'Structure model' 1 3 2018-06-20 
5 'Structure model' 1 4 2019-02-20 
6 'Structure model' 1 5 2019-12-18 
7 'Structure model' 1 6 2024-03-13 
8 'Structure model' 1 7 2024-04-03 
# 
_pdbx_audit_revision_details.ordinal             1 
_pdbx_audit_revision_details.revision_ordinal    1 
_pdbx_audit_revision_details.data_content_type   'Structure model' 
_pdbx_audit_revision_details.provider            repository 
_pdbx_audit_revision_details.type                'Initial release' 
_pdbx_audit_revision_details.description         ? 
_pdbx_audit_revision_details.details             ? 
# 
loop_
_pdbx_audit_revision_group.ordinal 
_pdbx_audit_revision_group.revision_ordinal 
_pdbx_audit_revision_group.data_content_type 
_pdbx_audit_revision_group.group 
1  2 'Structure model' 'Data collection'            
2  2 'Structure model' 'Database references'        
3  3 'Structure model' 'Data collection'            
4  3 'Structure model' 'Database references'        
5  4 'Structure model' 'Data collection'            
6  4 'Structure model' 'Database references'        
7  5 'Structure model' 'Author supporting evidence' 
8  5 'Structure model' 'Data collection'            
9  6 'Structure model' 'Author supporting evidence' 
10 7 'Structure model' 'Data collection'            
11 7 'Structure model' 'Database references'        
12 8 'Structure model' 'Refinement description'     
# 
loop_
_pdbx_audit_revision_category.ordinal 
_pdbx_audit_revision_category.revision_ordinal 
_pdbx_audit_revision_category.data_content_type 
_pdbx_audit_revision_category.category 
1  2 'Structure model' citation                      
2  2 'Structure model' citation_author               
3  3 'Structure model' citation                      
4  3 'Structure model' citation_author               
5  4 'Structure model' citation                      
6  5 'Structure model' pdbx_audit_support            
7  6 'Structure model' pdbx_audit_support            
8  7 'Structure model' chem_comp_atom                
9  7 'Structure model' chem_comp_bond                
10 7 'Structure model' database_2                    
11 8 'Structure model' pdbx_initial_refinement_model 
# 
loop_
_pdbx_audit_revision_item.ordinal 
_pdbx_audit_revision_item.revision_ordinal 
_pdbx_audit_revision_item.data_content_type 
_pdbx_audit_revision_item.item 
1  2 'Structure model' '_citation.country'                        
2  2 'Structure model' '_citation.journal_abbrev'                 
3  2 'Structure model' '_citation.journal_id_CSD'                 
4  2 'Structure model' '_citation.journal_id_ISSN'                
5  2 'Structure model' '_citation.pdbx_database_id_DOI'           
6  2 'Structure model' '_citation.title'                          
7  2 'Structure model' '_citation.year'                           
8  3 'Structure model' '_citation.journal_abbrev'                 
9  3 'Structure model' '_citation.pdbx_database_id_PubMed'        
10 3 'Structure model' '_citation.title'                          
11 3 'Structure model' '_citation_author.name'                    
12 4 'Structure model' '_citation.journal_volume'                 
13 4 'Structure model' '_citation.page_first'                     
14 4 'Structure model' '_citation.page_last'                      
15 5 'Structure model' '_pdbx_audit_support.funding_organization' 
16 6 'Structure model' '_pdbx_audit_support.funding_organization' 
17 7 'Structure model' '_database_2.pdbx_DOI'                     
18 7 'Structure model' '_database_2.pdbx_database_accession'      
# 
_pdbx_database_status.status_code                     REL 
_pdbx_database_status.status_code_sf                  REL 
_pdbx_database_status.status_code_mr                  ? 
_pdbx_database_status.entry_id                        5WIA 
_pdbx_database_status.recvd_initial_deposition_date   2017-07-18 
_pdbx_database_status.SG_entry                        N 
_pdbx_database_status.deposit_site                    RCSB 
_pdbx_database_status.process_site                    RCSB 
_pdbx_database_status.status_code_cs                  ? 
_pdbx_database_status.methods_development_category    ? 
_pdbx_database_status.pdb_format_compatible           Y 
_pdbx_database_status.status_code_nmr_data            ? 
# 
loop_
_audit_author.name 
_audit_author.pdbx_ordinal 
_audit_author.identifier_ORCID 
'Guenther, E.L.'  1 ? 
'Trinh, H.'       2 ? 
'Sawaya, M.R.'    3 ? 
'Eisenberg, D.S.' 4 ? 
# 
_citation.abstract                  ? 
_citation.abstract_id_CAS           ? 
_citation.book_id_ISBN              ? 
_citation.book_publisher            ? 
_citation.book_publisher_city       ? 
_citation.book_title                ? 
_citation.coordinate_linkage        ? 
_citation.country                   US 
_citation.database_id_Medline       ? 
_citation.details                   ? 
_citation.id                        primary 
_citation.journal_abbrev            'Nat. Struct. Mol. Biol.' 
_citation.journal_id_ASTM           ? 
_citation.journal_id_CSD            ? 
_citation.journal_id_ISSN           1545-9985 
_citation.journal_full              ? 
_citation.journal_issue             ? 
_citation.journal_volume            25 
_citation.language                  ? 
_citation.page_first                463 
_citation.page_last                 471 
_citation.title                     
'Atomic structures of TDP-43 LCD segments and insights into reversible or pathogenic aggregation.' 
_citation.year                      2018 
_citation.database_id_CSD           ? 
_citation.pdbx_database_id_DOI      10.1038/s41594-018-0064-2 
_citation.pdbx_database_id_PubMed   29786080 
_citation.unpublished_flag          ? 
# 
loop_
_citation_author.citation_id 
_citation_author.name 
_citation_author.ordinal 
_citation_author.identifier_ORCID 
primary 'Guenther, E.L.'  1  ? 
primary 'Cao, Q.'         2  ? 
primary 'Trinh, H.'       3  ? 
primary 'Lu, J.'          4  ? 
primary 'Sawaya, M.R.'    5  ? 
primary 'Cascio, D.'      6  ? 
primary 'Boyer, D.R.'     7  ? 
primary 'Rodriguez, J.A.' 8  ? 
primary 'Hughes, M.P.'    9  ? 
primary 'Eisenberg, D.S.' 10 ? 
# 
loop_
_entity.id 
_entity.type 
_entity.src_method 
_entity.pdbx_description 
_entity.formula_weight 
_entity.pdbx_number_of_molecules 
_entity.pdbx_ec 
_entity.pdbx_mutation 
_entity.pdbx_fragment 
_entity.details 
1 polymer syn 'TAR DNA-binding protein 43' 640.602 1 ? ? 'UNP residues 370-375' ? 
2 water   nat water                        18.015  1 ? ? ?                      ? 
# 
_entity_name_com.entity_id   1 
_entity_name_com.name        TDP-43 
# 
_entity_poly.entity_id                      1 
_entity_poly.type                           'polypeptide(L)' 
_entity_poly.nstd_linkage                   no 
_entity_poly.nstd_monomer                   no 
_entity_poly.pdbx_seq_one_letter_code       GNNSYS 
_entity_poly.pdbx_seq_one_letter_code_can   GNNSYS 
_entity_poly.pdbx_strand_id                 A 
_entity_poly.pdbx_target_identifier         ? 
# 
_pdbx_entity_nonpoly.entity_id   2 
_pdbx_entity_nonpoly.name        water 
_pdbx_entity_nonpoly.comp_id     HOH 
# 
loop_
_entity_poly_seq.entity_id 
_entity_poly_seq.num 
_entity_poly_seq.mon_id 
_entity_poly_seq.hetero 
1 1 GLY n 
1 2 ASN n 
1 3 ASN n 
1 4 SER n 
1 5 TYR n 
1 6 SER n 
# 
_pdbx_entity_src_syn.entity_id              1 
_pdbx_entity_src_syn.pdbx_src_id            1 
_pdbx_entity_src_syn.pdbx_alt_source_flag   sample 
_pdbx_entity_src_syn.pdbx_beg_seq_num       1 
_pdbx_entity_src_syn.pdbx_end_seq_num       6 
_pdbx_entity_src_syn.organism_scientific    'Homo sapiens' 
_pdbx_entity_src_syn.organism_common_name   Human 
_pdbx_entity_src_syn.ncbi_taxonomy_id       9606 
_pdbx_entity_src_syn.details                'Synthetic peptide GNNSYS corresponding to segment 370-375 of TDP-43' 
# 
loop_
_chem_comp.id 
_chem_comp.type 
_chem_comp.mon_nstd_flag 
_chem_comp.name 
_chem_comp.pdbx_synonyms 
_chem_comp.formula 
_chem_comp.formula_weight 
ASN 'L-peptide linking' y ASPARAGINE ? 'C4 H8 N2 O3' 132.118 
GLY 'peptide linking'   y GLYCINE    ? 'C2 H5 N O2'  75.067  
HOH non-polymer         . WATER      ? 'H2 O'        18.015  
SER 'L-peptide linking' y SERINE     ? 'C3 H7 N O3'  105.093 
TYR 'L-peptide linking' y TYROSINE   ? 'C9 H11 N O3' 181.189 
# 
loop_
_pdbx_poly_seq_scheme.asym_id 
_pdbx_poly_seq_scheme.entity_id 
_pdbx_poly_seq_scheme.seq_id 
_pdbx_poly_seq_scheme.mon_id 
_pdbx_poly_seq_scheme.ndb_seq_num 
_pdbx_poly_seq_scheme.pdb_seq_num 
_pdbx_poly_seq_scheme.auth_seq_num 
_pdbx_poly_seq_scheme.pdb_mon_id 
_pdbx_poly_seq_scheme.auth_mon_id 
_pdbx_poly_seq_scheme.pdb_strand_id 
_pdbx_poly_seq_scheme.pdb_ins_code 
_pdbx_poly_seq_scheme.hetero 
A 1 1 GLY 1 370 0 GLY GLY A . n 
A 1 2 ASN 2 371 1 ASN ASN A . n 
A 1 3 ASN 3 372 2 ASN ASN A . n 
A 1 4 SER 4 373 3 SER SER A . n 
A 1 5 TYR 5 374 4 TYR TYR A . n 
A 1 6 SER 6 375 5 SER SER A . n 
# 
_pdbx_nonpoly_scheme.asym_id         B 
_pdbx_nonpoly_scheme.entity_id       2 
_pdbx_nonpoly_scheme.mon_id          HOH 
_pdbx_nonpoly_scheme.ndb_seq_num     1 
_pdbx_nonpoly_scheme.pdb_seq_num     401 
_pdbx_nonpoly_scheme.auth_seq_num    1 
_pdbx_nonpoly_scheme.pdb_mon_id      HOH 
_pdbx_nonpoly_scheme.auth_mon_id     HOH 
_pdbx_nonpoly_scheme.pdb_strand_id   A 
_pdbx_nonpoly_scheme.pdb_ins_code    . 
# 
loop_
_software.citation_id 
_software.classification 
_software.compiler_name 
_software.compiler_version 
_software.contact_author 
_software.contact_author_email 
_software.date 
_software.description 
_software.dependencies 
_software.hardware 
_software.language 
_software.location 
_software.mods 
_software.name 
_software.os 
_software.os_version 
_software.type 
_software.version 
_software.pdbx_ordinal 
? 'data reduction'  ? ? ? ? ? ? ? ? ? ? ? DENZO       ? ? ? .        1 
? 'data scaling'    ? ? ? ? ? ? ? ? ? ? ? SCALEPACK   ? ? ? .        2 
? refinement        ? ? ? ? ? ? ? ? ? ? ? PHENIX      ? ? ? 1.9_1692 3 
? 'data extraction' ? ? ? ? ? ? ? ? ? ? ? PDB_EXTRACT ? ? ? 3.22     4 
? phasing           ? ? ? ? ? ? ? ? ? ? ? PHASER      ? ? ? .        5 
# 
_cell.angle_alpha                  90.000 
_cell.angle_alpha_esd              ? 
_cell.angle_beta                   90.000 
_cell.angle_beta_esd               ? 
_cell.angle_gamma                  90.000 
_cell.angle_gamma_esd              ? 
_cell.entry_id                     5WIA 
_cell.details                      ? 
_cell.formula_units_Z              ? 
_cell.length_a                     4.786 
_cell.length_a_esd                 ? 
_cell.length_b                     15.617 
_cell.length_b_esd                 ? 
_cell.length_c                     40.679 
_cell.length_c_esd                 ? 
_cell.volume                       ? 
_cell.volume_esd                   ? 
_cell.Z_PDB                        4 
_cell.reciprocal_angle_alpha       ? 
_cell.reciprocal_angle_beta        ? 
_cell.reciprocal_angle_gamma       ? 
_cell.reciprocal_angle_alpha_esd   ? 
_cell.reciprocal_angle_beta_esd    ? 
_cell.reciprocal_angle_gamma_esd   ? 
_cell.reciprocal_length_a          ? 
_cell.reciprocal_length_b          ? 
_cell.reciprocal_length_c          ? 
_cell.reciprocal_length_a_esd      ? 
_cell.reciprocal_length_b_esd      ? 
_cell.reciprocal_length_c_esd      ? 
_cell.pdbx_unique_axis             ? 
# 
_symmetry.entry_id                         5WIA 
_symmetry.cell_setting                     ? 
_symmetry.Int_Tables_number                19 
_symmetry.space_group_name_Hall            ? 
_symmetry.space_group_name_H-M             'P 21 21 21' 
_symmetry.pdbx_full_space_group_name_H-M   ? 
# 
_exptl.absorpt_coefficient_mu     ? 
_exptl.absorpt_correction_T_max   ? 
_exptl.absorpt_correction_T_min   ? 
_exptl.absorpt_correction_type    ? 
_exptl.absorpt_process_details    ? 
_exptl.entry_id                   5WIA 
_exptl.crystals_number            1 
_exptl.details                    ? 
_exptl.method                     'X-RAY DIFFRACTION' 
_exptl.method_details             ? 
# 
_exptl_crystal.colour                      ? 
_exptl_crystal.density_diffrn              ? 
_exptl_crystal.density_Matthews            ? 
_exptl_crystal.density_method              ? 
_exptl_crystal.density_percent_sol         ? 
_exptl_crystal.description                 ? 
_exptl_crystal.F_000                       ? 
_exptl_crystal.id                          1 
_exptl_crystal.preparation                 ? 
_exptl_crystal.size_max                    ? 
_exptl_crystal.size_mid                    ? 
_exptl_crystal.size_min                    ? 
_exptl_crystal.size_rad                    ? 
_exptl_crystal.colour_lustre               ? 
_exptl_crystal.colour_modifier             ? 
_exptl_crystal.colour_primary              ? 
_exptl_crystal.density_meas                ? 
_exptl_crystal.density_meas_esd            ? 
_exptl_crystal.density_meas_gt             ? 
_exptl_crystal.density_meas_lt             ? 
_exptl_crystal.density_meas_temp           ? 
_exptl_crystal.density_meas_temp_esd       ? 
_exptl_crystal.density_meas_temp_gt        ? 
_exptl_crystal.density_meas_temp_lt        ? 
_exptl_crystal.pdbx_crystal_image_url      ? 
_exptl_crystal.pdbx_crystal_image_format   ? 
_exptl_crystal.pdbx_mosaicity              ? 
_exptl_crystal.pdbx_mosaicity_esd          ? 
# 
_exptl_crystal_grow.apparatus       ? 
_exptl_crystal_grow.atmosphere      ? 
_exptl_crystal_grow.crystal_id      1 
_exptl_crystal_grow.details         ? 
_exptl_crystal_grow.method          'VAPOR DIFFUSION, HANGING DROP' 
_exptl_crystal_grow.method_ref      ? 
_exptl_crystal_grow.pH              8.5 
_exptl_crystal_grow.pressure        ? 
_exptl_crystal_grow.pressure_esd    ? 
_exptl_crystal_grow.seeding         ? 
_exptl_crystal_grow.seeding_ref     ? 
_exptl_crystal_grow.temp            298 
_exptl_crystal_grow.temp_details    ? 
_exptl_crystal_grow.temp_esd        ? 
_exptl_crystal_grow.time            ? 
_exptl_crystal_grow.pdbx_details    '100mM bis tris propane 8.5, 200mM sodium nitrate, 20% PEG 3350' 
_exptl_crystal_grow.pdbx_pH_range   ? 
# 
_diffrn.ambient_environment    ? 
_diffrn.ambient_temp           100 
_diffrn.ambient_temp_details   ? 
_diffrn.ambient_temp_esd       ? 
_diffrn.crystal_id             1 
_diffrn.crystal_support        ? 
_diffrn.crystal_treatment      ? 
_diffrn.details                ? 
_diffrn.id                     1 
_diffrn.ambient_pressure       ? 
_diffrn.ambient_pressure_esd   ? 
_diffrn.ambient_pressure_gt    ? 
_diffrn.ambient_pressure_lt    ? 
_diffrn.ambient_temp_gt        ? 
_diffrn.ambient_temp_lt        ? 
# 
_diffrn_detector.details                      ? 
_diffrn_detector.detector                     CCD 
_diffrn_detector.diffrn_id                    1 
_diffrn_detector.type                         'ADSC QUANTUM 315' 
_diffrn_detector.area_resol_mean              ? 
_diffrn_detector.dtime                        ? 
_diffrn_detector.pdbx_frames_total            ? 
_diffrn_detector.pdbx_collection_time_total   ? 
_diffrn_detector.pdbx_collection_date         2015-04-18 
# 
_diffrn_radiation.collimation                      ? 
_diffrn_radiation.diffrn_id                        1 
_diffrn_radiation.filter_edge                      ? 
_diffrn_radiation.inhomogeneity                    ? 
_diffrn_radiation.monochromator                    ? 
_diffrn_radiation.polarisn_norm                    ? 
_diffrn_radiation.polarisn_ratio                   ? 
_diffrn_radiation.probe                            ? 
_diffrn_radiation.type                             ? 
_diffrn_radiation.xray_symbol                      ? 
_diffrn_radiation.wavelength_id                    1 
_diffrn_radiation.pdbx_monochromatic_or_laue_m_l   M 
_diffrn_radiation.pdbx_wavelength_list             ? 
_diffrn_radiation.pdbx_wavelength                  ? 
_diffrn_radiation.pdbx_diffrn_protocol             'SINGLE WAVELENGTH' 
_diffrn_radiation.pdbx_analyzer                    ? 
_diffrn_radiation.pdbx_scattering_type             x-ray 
# 
_diffrn_radiation_wavelength.id           1 
_diffrn_radiation_wavelength.wavelength   0.9791 
_diffrn_radiation_wavelength.wt           1.0 
# 
_diffrn_source.current                     ? 
_diffrn_source.details                     ? 
_diffrn_source.diffrn_id                   1 
_diffrn_source.power                       ? 
_diffrn_source.size                        ? 
_diffrn_source.source                      SYNCHROTRON 
_diffrn_source.target                      ? 
_diffrn_source.type                        'APS BEAMLINE 24-ID-E' 
_diffrn_source.voltage                     ? 
_diffrn_source.take-off_angle              ? 
_diffrn_source.pdbx_wavelength_list        0.9791 
_diffrn_source.pdbx_wavelength             ? 
_diffrn_source.pdbx_synchrotron_beamline   24-ID-E 
_diffrn_source.pdbx_synchrotron_site       APS 
# 
_reflns.B_iso_Wilson_estimate            2.690 
_reflns.entry_id                         5WIA 
_reflns.data_reduction_details           ? 
_reflns.data_reduction_method            ? 
_reflns.d_resolution_high                1.000 
_reflns.d_resolution_low                 100.000 
_reflns.details                          ? 
_reflns.limit_h_max                      ? 
_reflns.limit_h_min                      ? 
_reflns.limit_k_max                      ? 
_reflns.limit_k_min                      ? 
_reflns.limit_l_max                      ? 
_reflns.limit_l_min                      ? 
_reflns.number_all                       ? 
_reflns.number_obs                       1864 
_reflns.observed_criterion               ? 
_reflns.observed_criterion_F_max         ? 
_reflns.observed_criterion_F_min         ? 
_reflns.observed_criterion_I_max         ? 
_reflns.observed_criterion_I_min         ? 
_reflns.observed_criterion_sigma_F       ? 
_reflns.observed_criterion_sigma_I       ? 
_reflns.percent_possible_obs             95.200 
_reflns.R_free_details                   ? 
_reflns.Rmerge_F_all                     ? 
_reflns.Rmerge_F_obs                     ? 
_reflns.Friedel_coverage                 ? 
_reflns.number_gt                        ? 
_reflns.threshold_expression             ? 
_reflns.pdbx_redundancy                  5.400 
_reflns.pdbx_Rmerge_I_obs                0.155 
_reflns.pdbx_Rmerge_I_all                ? 
_reflns.pdbx_Rsym_value                  ? 
_reflns.pdbx_netI_over_av_sigmaI         ? 
_reflns.pdbx_netI_over_sigmaI            5.200 
_reflns.pdbx_res_netI_over_av_sigmaI_2   ? 
_reflns.pdbx_res_netI_over_sigmaI_2      ? 
_reflns.pdbx_chi_squared                 1.191 
_reflns.pdbx_scaling_rejects             ? 
_reflns.pdbx_d_res_high_opt              ? 
_reflns.pdbx_d_res_low_opt               ? 
_reflns.pdbx_d_res_opt_method            ? 
_reflns.phase_calculation_details        ? 
_reflns.pdbx_Rrim_I_all                  0.172 
_reflns.pdbx_Rpim_I_all                  0.072 
_reflns.pdbx_d_opt                       ? 
_reflns.pdbx_number_measured_all         10032 
_reflns.pdbx_diffrn_id                   1 
_reflns.pdbx_ordinal                     1 
_reflns.pdbx_CC_half                     ? 
_reflns.pdbx_R_split                     ? 
# 
loop_
_reflns_shell.d_res_high 
_reflns_shell.d_res_low 
_reflns_shell.meanI_over_sigI_all 
_reflns_shell.meanI_over_sigI_obs 
_reflns_shell.number_measured_all 
_reflns_shell.number_measured_obs 
_reflns_shell.number_possible 
_reflns_shell.number_unique_all 
_reflns_shell.number_unique_obs 
_reflns_shell.percent_possible_all 
_reflns_shell.percent_possible_obs 
_reflns_shell.Rmerge_F_all 
_reflns_shell.Rmerge_F_obs 
_reflns_shell.Rmerge_I_all 
_reflns_shell.Rmerge_I_obs 
_reflns_shell.meanI_over_sigI_gt 
_reflns_shell.meanI_over_uI_all 
_reflns_shell.meanI_over_uI_gt 
_reflns_shell.number_measured_gt 
_reflns_shell.number_unique_gt 
_reflns_shell.percent_possible_gt 
_reflns_shell.Rmerge_F_gt 
_reflns_shell.Rmerge_I_gt 
_reflns_shell.pdbx_redundancy 
_reflns_shell.pdbx_Rsym_value 
_reflns_shell.pdbx_chi_squared 
_reflns_shell.pdbx_netI_over_sigmaI_all 
_reflns_shell.pdbx_netI_over_sigmaI_obs 
_reflns_shell.pdbx_Rrim_I_all 
_reflns_shell.pdbx_Rpim_I_all 
_reflns_shell.pdbx_rejects 
_reflns_shell.pdbx_ordinal 
_reflns_shell.pdbx_diffrn_id 
_reflns_shell.pdbx_CC_half 
_reflns_shell.pdbx_R_split 
1.000 1.040   ? ? ? ? ? ? 111 62.700  ? ? ? ? 0.554 ? ? ? ? ? ? ? ? 1.900 ? 1.139 ? ? 0.714 0.443 ? 1  1 0.368 ? 
1.040 1.080   ? ? ? ? ? ? ?   85.700  ? ? ? ? 0.434 ? ? ? ? ? ? ? ? 2.800 ? 1.064 ? ? 0.527 0.291 ? 2  1 0.805 ? 
1.080 1.130   ? ? ? ? ? ? ?   100.000 ? ? ? ? 0.361 ? ? ? ? ? ? ? ? 4.700 ? 1.315 ? ? 0.406 0.181 ? 3  1 0.923 ? 
1.130 1.190   ? ? ? ? ? ? ?   100.000 ? ? ? ? 0.336 ? ? ? ? ? ? ? ? 6.200 ? 1.209 ? ? 0.367 0.145 ? 4  1 0.933 ? 
1.190 1.260   ? ? ? ? ? ? ?   100.000 ? ? ? ? 0.286 ? ? ? ? ? ? ? ? 6.000 ? 1.331 ? ? 0.315 0.128 ? 5  1 0.947 ? 
1.260 1.360   ? ? ? ? ? ? ?   100.000 ? ? ? ? 0.224 ? ? ? ? ? ? ? ? 6.400 ? 1.258 ? ? 0.243 0.095 ? 6  1 0.974 ? 
1.360 1.490   ? ? ? ? ? ? ?   100.000 ? ? ? ? 0.193 ? ? ? ? ? ? ? ? 6.400 ? 1.136 ? ? 0.210 0.082 ? 7  1 0.982 ? 
1.490 1.710   ? ? ? ? ? ? ?   100.000 ? ? ? ? 0.160 ? ? ? ? ? ? ? ? 6.000 ? 1.134 ? ? 0.176 0.071 ? 8  1 0.980 ? 
1.710 2.150   ? ? ? ? ? ? ?   99.500  ? ? ? ? 0.122 ? ? ? ? ? ? ? ? 6.200 ? 1.209 ? ? 0.132 0.052 ? 9  1 0.990 ? 
2.150 100.000 ? ? ? ? ? ? ?   99.600  ? ? ? ? 0.060 ? ? ? ? ? ? ? ? 5.300 ? 1.044 ? ? 0.067 0.029 ? 10 1 0.997 ? 
# 
_refine.aniso_B[1][1]                            ? 
_refine.aniso_B[1][2]                            ? 
_refine.aniso_B[1][3]                            ? 
_refine.aniso_B[2][2]                            ? 
_refine.aniso_B[2][3]                            ? 
_refine.aniso_B[3][3]                            ? 
_refine.B_iso_max                                15.340 
_refine.B_iso_mean                               3.7159 
_refine.B_iso_min                                1.170 
_refine.correlation_coeff_Fo_to_Fc               ? 
_refine.correlation_coeff_Fo_to_Fc_free          ? 
_refine.details                                  ? 
_refine.diff_density_max                         ? 
_refine.diff_density_max_esd                     ? 
_refine.diff_density_min                         ? 
_refine.diff_density_min_esd                     ? 
_refine.diff_density_rms                         ? 
_refine.diff_density_rms_esd                     ? 
_refine.entry_id                                 5WIA 
_refine.pdbx_refine_id                           'X-RAY DIFFRACTION' 
_refine.ls_abs_structure_details                 ? 
_refine.ls_abs_structure_Flack                   ? 
_refine.ls_abs_structure_Flack_esd               ? 
_refine.ls_abs_structure_Rogers                  ? 
_refine.ls_abs_structure_Rogers_esd              ? 
_refine.ls_d_res_high                            1.0020 
_refine.ls_d_res_low                             20.3400 
_refine.ls_extinction_coef                       ? 
_refine.ls_extinction_coef_esd                   ? 
_refine.ls_extinction_expression                 ? 
_refine.ls_extinction_method                     ? 
_refine.ls_goodness_of_fit_all                   ? 
_refine.ls_goodness_of_fit_all_esd               ? 
_refine.ls_goodness_of_fit_obs                   ? 
_refine.ls_goodness_of_fit_obs_esd               ? 
_refine.ls_hydrogen_treatment                    ? 
_refine.ls_matrix_type                           ? 
_refine.ls_number_constraints                    ? 
_refine.ls_number_parameters                     ? 
_refine.ls_number_reflns_all                     ? 
_refine.ls_number_reflns_obs                     1836 
_refine.ls_number_reflns_R_free                  169 
_refine.ls_number_reflns_R_work                  ? 
_refine.ls_number_restraints                     ? 
_refine.ls_percent_reflns_obs                    95.3800 
_refine.ls_percent_reflns_R_free                 9.2000 
_refine.ls_R_factor_all                          ? 
_refine.ls_R_factor_obs                          0.1574 
_refine.ls_R_factor_R_free                       0.1810 
_refine.ls_R_factor_R_free_error                 ? 
_refine.ls_R_factor_R_free_error_details         ? 
_refine.ls_R_factor_R_work                       0.1549 
_refine.ls_R_Fsqd_factor_obs                     ? 
_refine.ls_R_I_factor_obs                        ? 
_refine.ls_redundancy_reflns_all                 ? 
_refine.ls_redundancy_reflns_obs                 ? 
_refine.ls_restrained_S_all                      ? 
_refine.ls_restrained_S_obs                      ? 
_refine.ls_shift_over_esd_max                    ? 
_refine.ls_shift_over_esd_mean                   ? 
_refine.ls_structure_factor_coef                 ? 
_refine.ls_weighting_details                     ? 
_refine.ls_weighting_scheme                      ? 
_refine.ls_wR_factor_all                         ? 
_refine.ls_wR_factor_obs                         ? 
_refine.ls_wR_factor_R_free                      ? 
_refine.ls_wR_factor_R_work                      ? 
_refine.occupancy_max                            ? 
_refine.occupancy_min                            ? 
_refine.solvent_model_details                    ? 
_refine.solvent_model_param_bsol                 ? 
_refine.solvent_model_param_ksol                 ? 
_refine.ls_R_factor_gt                           ? 
_refine.ls_goodness_of_fit_gt                    ? 
_refine.ls_goodness_of_fit_ref                   ? 
_refine.ls_shift_over_su_max                     ? 
_refine.ls_shift_over_su_max_lt                  ? 
_refine.ls_shift_over_su_mean                    ? 
_refine.ls_shift_over_su_mean_lt                 ? 
_refine.pdbx_ls_sigma_I                          ? 
_refine.pdbx_ls_sigma_F                          1.390 
_refine.pdbx_ls_sigma_Fsqd                       ? 
_refine.pdbx_data_cutoff_high_absF               ? 
_refine.pdbx_data_cutoff_high_rms_absF           ? 
_refine.pdbx_data_cutoff_low_absF                ? 
_refine.pdbx_isotropic_thermal_model             ? 
_refine.pdbx_ls_cross_valid_method               'FREE R-VALUE' 
_refine.pdbx_method_to_determine_struct          'MOLECULAR REPLACEMENT' 
_refine.pdbx_starting_model                      'ideal 5-residue polyalanine beta-strand' 
_refine.pdbx_stereochemistry_target_values       ? 
_refine.pdbx_R_Free_selection_details            ? 
_refine.pdbx_stereochem_target_val_spec_case     ? 
_refine.pdbx_overall_ESU_R                       ? 
_refine.pdbx_overall_ESU_R_Free                  ? 
_refine.pdbx_solvent_vdw_probe_radii             1.1100 
_refine.pdbx_solvent_ion_probe_radii             ? 
_refine.pdbx_solvent_shrinkage_radii             0.9000 
_refine.pdbx_real_space_R                        ? 
_refine.pdbx_density_correlation                 ? 
_refine.pdbx_pd_number_of_powder_patterns        ? 
_refine.pdbx_pd_number_of_points                 ? 
_refine.pdbx_pd_meas_number_of_points            ? 
_refine.pdbx_pd_proc_ls_prof_R_factor            ? 
_refine.pdbx_pd_proc_ls_prof_wR_factor           ? 
_refine.pdbx_pd_Marquardt_correlation_coeff      ? 
_refine.pdbx_pd_Fsqrd_R_factor                   ? 
_refine.pdbx_pd_ls_matrix_band_width             ? 
_refine.pdbx_overall_phase_error                 17.1300 
_refine.pdbx_overall_SU_R_free_Cruickshank_DPI   ? 
_refine.pdbx_overall_SU_R_free_Blow_DPI          ? 
_refine.pdbx_overall_SU_R_Blow_DPI               ? 
_refine.pdbx_TLS_residual_ADP_flag               ? 
_refine.pdbx_diffrn_id                           1 
_refine.overall_SU_B                             ? 
_refine.overall_SU_ML                            0.0700 
_refine.overall_SU_R_Cruickshank_DPI             ? 
_refine.overall_SU_R_free                        ? 
_refine.overall_FOM_free_R_set                   ? 
_refine.overall_FOM_work_R_set                   ? 
_refine.pdbx_average_fsc_overall                 ? 
_refine.pdbx_average_fsc_work                    ? 
_refine.pdbx_average_fsc_free                    ? 
# 
_refine_hist.cycle_id                         final 
_refine_hist.pdbx_refine_id                   'X-RAY DIFFRACTION' 
_refine_hist.d_res_high                       1.0020 
_refine_hist.d_res_low                        20.3400 
_refine_hist.pdbx_number_atoms_ligand         0 
_refine_hist.number_atoms_solvent             1 
_refine_hist.number_atoms_total               46 
_refine_hist.pdbx_number_residues_total       6 
_refine_hist.pdbx_B_iso_mean_solvent          15.34 
_refine_hist.pdbx_number_atoms_protein        45 
_refine_hist.pdbx_number_atoms_nucleic_acid   0 
# 
loop_
_refine_ls_restr.pdbx_refine_id 
_refine_ls_restr.criterion 
_refine_ls_restr.dev_ideal 
_refine_ls_restr.dev_ideal_target 
_refine_ls_restr.number 
_refine_ls_restr.rejects 
_refine_ls_restr.type 
_refine_ls_restr.weight 
_refine_ls_restr.pdbx_restraint_function 
'X-RAY DIFFRACTION' ? 0.005 ? 45 ? f_bond_d           ? ? 
'X-RAY DIFFRACTION' ? 1.183 ? 60 ? f_angle_d          ? ? 
'X-RAY DIFFRACTION' ? 0.089 ? 5  ? f_chiral_restr     ? ? 
'X-RAY DIFFRACTION' ? 0.003 ? 9  ? f_plane_restr      ? ? 
'X-RAY DIFFRACTION' ? 9.637 ? 15 ? f_dihedral_angle_d ? ? 
# 
_refine_ls_shell.pdbx_refine_id                   'X-RAY DIFFRACTION' 
_refine_ls_shell.d_res_high                       1.0016 
_refine_ls_shell.d_res_low                        20.3437 
_refine_ls_shell.number_reflns_all                1836 
_refine_ls_shell.number_reflns_obs                ? 
_refine_ls_shell.number_reflns_R_free             169 
_refine_ls_shell.number_reflns_R_work             1667 
_refine_ls_shell.percent_reflns_obs               95.0000 
_refine_ls_shell.percent_reflns_R_free            ? 
_refine_ls_shell.R_factor_all                     ? 
_refine_ls_shell.R_factor_obs                     ? 
_refine_ls_shell.R_factor_R_free                  0.1810 
_refine_ls_shell.R_factor_R_free_error            0.0000 
_refine_ls_shell.R_factor_R_work                  0.1549 
_refine_ls_shell.redundancy_reflns_all            ? 
_refine_ls_shell.redundancy_reflns_obs            ? 
_refine_ls_shell.wR_factor_all                    ? 
_refine_ls_shell.wR_factor_obs                    ? 
_refine_ls_shell.wR_factor_R_free                 ? 
_refine_ls_shell.wR_factor_R_work                 ? 
_refine_ls_shell.pdbx_total_number_of_bins_used   1 
_refine_ls_shell.pdbx_phase_error                 ? 
_refine_ls_shell.pdbx_fsc_work                    ? 
_refine_ls_shell.pdbx_fsc_free                    ? 
# 
_struct.entry_id                     5WIA 
_struct.title                        
'Crystal structure of the segment, GNNSYS, from the low complexity domain of TDP-43, residues 370-375' 
_struct.pdbx_model_details           ? 
_struct.pdbx_formula_weight          ? 
_struct.pdbx_formula_weight_method   ? 
_struct.pdbx_model_type_details      ? 
_struct.pdbx_CASP_flag               N 
# 
_struct_keywords.entry_id        5WIA 
_struct_keywords.text            'Amyloid, TDP-43, PROTEIN FIBRIL' 
_struct_keywords.pdbx_keywords   'PROTEIN FIBRIL' 
# 
loop_
_struct_asym.id 
_struct_asym.pdbx_blank_PDB_chainid_flag 
_struct_asym.pdbx_modified 
_struct_asym.entity_id 
_struct_asym.details 
A N N 1 ? 
B N N 2 ? 
# 
_struct_ref.id                         1 
_struct_ref.db_name                    UNP 
_struct_ref.db_code                    TADBP_HUMAN 
_struct_ref.pdbx_db_accession          Q13148 
_struct_ref.pdbx_db_isoform            ? 
_struct_ref.entity_id                  1 
_struct_ref.pdbx_seq_one_letter_code   GNNSYS 
_struct_ref.pdbx_align_begin           370 
# 
_struct_ref_seq.align_id                      1 
_struct_ref_seq.ref_id                        1 
_struct_ref_seq.pdbx_PDB_id_code              5WIA 
_struct_ref_seq.pdbx_strand_id                A 
_struct_ref_seq.seq_align_beg                 1 
_struct_ref_seq.pdbx_seq_align_beg_ins_code   ? 
_struct_ref_seq.seq_align_end                 6 
_struct_ref_seq.pdbx_seq_align_end_ins_code   ? 
_struct_ref_seq.pdbx_db_accession             Q13148 
_struct_ref_seq.db_align_beg                  370 
_struct_ref_seq.pdbx_db_align_beg_ins_code    ? 
_struct_ref_seq.db_align_end                  375 
_struct_ref_seq.pdbx_db_align_end_ins_code    ? 
_struct_ref_seq.pdbx_auth_seq_align_beg       370 
_struct_ref_seq.pdbx_auth_seq_align_end       375 
# 
_pdbx_struct_assembly.id                   1 
_pdbx_struct_assembly.details              author_defined_assembly 
_pdbx_struct_assembly.method_details       ? 
_pdbx_struct_assembly.oligomeric_details   decameric 
_pdbx_struct_assembly.oligomeric_count     10 
# 
_pdbx_struct_assembly_gen.assembly_id       1 
_pdbx_struct_assembly_gen.oper_expression   1,2,3,4,5,6,7,8,9,10 
_pdbx_struct_assembly_gen.asym_id_list      A,B 
# 
_pdbx_struct_assembly_auth_evidence.id                     1 
_pdbx_struct_assembly_auth_evidence.assembly_id            1 
_pdbx_struct_assembly_auth_evidence.experimental_support   none 
_pdbx_struct_assembly_auth_evidence.details                ? 
# 
loop_
_pdbx_struct_oper_list.id 
_pdbx_struct_oper_list.type 
_pdbx_struct_oper_list.name 
_pdbx_struct_oper_list.symmetry_operation 
_pdbx_struct_oper_list.matrix[1][1] 
_pdbx_struct_oper_list.matrix[1][2] 
_pdbx_struct_oper_list.matrix[1][3] 
_pdbx_struct_oper_list.vector[1] 
_pdbx_struct_oper_list.matrix[2][1] 
_pdbx_struct_oper_list.matrix[2][2] 
_pdbx_struct_oper_list.matrix[2][3] 
_pdbx_struct_oper_list.vector[2] 
_pdbx_struct_oper_list.matrix[3][1] 
_pdbx_struct_oper_list.matrix[3][2] 
_pdbx_struct_oper_list.matrix[3][3] 
_pdbx_struct_oper_list.vector[3] 
1  'identity operation'         1_555 x,y,z           1.0000000000 0.0000000000  0.0000000000 0.0000000000   0.0000000000  1.0000000000  0.0000000000  0.0000000000  0.0000000000 0.0000000000  1.0000000000  0.0000000000  
2  'crystal symmetry operation' 1_355 x-2,y,z         1.0000000000 0.0000000000  0.0000000000 7.2475541706   0.0000000000  1.0000000000  0.0000000000  -1.5960004993 0.0000000000 0.0000000000  1.0000000000  6.0455706885  
3  'crystal symmetry operation' 1_455 x-1,y,z         1.0000000000 0.0000000000  0.0000000000 3.6237770853   0.0000000000  1.0000000000  0.0000000000  -0.7980002496 0.0000000000 0.0000000000  1.0000000000  3.0227853443  
4  'crystal symmetry operation' 1_655 x+1,y,z         1.0000000000 0.0000000000  0.0000000000 -3.6237770853  0.0000000000  1.0000000000  0.0000000000  0.7980002496  0.0000000000 0.0000000000  1.0000000000  -3.0227853443 
5  'crystal symmetry operation' 1_755 x+2,y,z         1.0000000000 0.0000000000  0.0000000000 -7.2475541706  0.0000000000  1.0000000000  0.0000000000  1.5960004993  0.0000000000 0.0000000000  1.0000000000  -6.0455706885 
6  'crystal symmetry operation' 4_345 x-3/2,-y-1/2,-z 0.1465884324 -0.2524928641 0.9564304392 2.3709692411   -0.2524928641 -0.9443979682 -0.2106177370 5.2337368025  0.9564304392 -0.2106177370 -0.2021904642 9.9058814500  
7  'crystal symmetry operation' 4_445 x-1/2,-y-1/2,-z 0.1465884324 -0.2524928641 0.9564304392 -1.2528078442  -0.2524928641 -0.9443979682 -0.2106177370 6.0317370522  0.9564304392 -0.2106177370 -0.2021904642 6.8830961057  
8  'crystal symmetry operation' 4_545 x+1/2,-y-1/2,-z 0.1465884324 -0.2524928641 0.9564304392 -4.8765849295  -0.2524928641 -0.9443979682 -0.2106177370 6.8297373018  0.9564304392 -0.2106177370 -0.2021904642 3.8603107614  
9  'crystal symmetry operation' 4_645 x+3/2,-y-1/2,-z 0.1465884324 -0.2524928641 0.9564304392 -8.5003620149  -0.2524928641 -0.9443979682 -0.2106177370 7.6277375514  0.9564304392 -0.2106177370 -0.2021904642 0.8375254172  
10 'crystal symmetry operation' 4_745 x+5/2,-y-1/2,-z 0.1465884324 -0.2524928641 0.9564304392 -12.1241391002 -0.2524928641 -0.9443979682 -0.2106177370 8.4257378010  0.9564304392 -0.2106177370 -0.2021904642 -2.1852599271 
# 
loop_
_chem_comp_atom.comp_id 
_chem_comp_atom.atom_id 
_chem_comp_atom.type_symbol 
_chem_comp_atom.pdbx_aromatic_flag 
_chem_comp_atom.pdbx_stereo_config 
_chem_comp_atom.pdbx_ordinal 
ASN N    N N N 1  
ASN CA   C N S 2  
ASN C    C N N 3  
ASN O    O N N 4  
ASN CB   C N N 5  
ASN CG   C N N 6  
ASN OD1  O N N 7  
ASN ND2  N N N 8  
ASN OXT  O N N 9  
ASN H    H N N 10 
ASN H2   H N N 11 
ASN HA   H N N 12 
ASN HB2  H N N 13 
ASN HB3  H N N 14 
ASN HD21 H N N 15 
ASN HD22 H N N 16 
ASN HXT  H N N 17 
GLY N    N N N 18 
GLY CA   C N N 19 
GLY C    C N N 20 
GLY O    O N N 21 
GLY OXT  O N N 22 
GLY H    H N N 23 
GLY H2   H N N 24 
GLY HA2  H N N 25 
GLY HA3  H N N 26 
GLY HXT  H N N 27 
HOH O    O N N 28 
HOH H1   H N N 29 
HOH H2   H N N 30 
SER N    N N N 31 
SER CA   C N S 32 
SER C    C N N 33 
SER O    O N N 34 
SER CB   C N N 35 
SER OG   O N N 36 
SER OXT  O N N 37 
SER H    H N N 38 
SER H2   H N N 39 
SER HA   H N N 40 
SER HB2  H N N 41 
SER HB3  H N N 42 
SER HG   H N N 43 
SER HXT  H N N 44 
TYR N    N N N 45 
TYR CA   C N S 46 
TYR C    C N N 47 
TYR O    O N N 48 
TYR CB   C N N 49 
TYR CG   C Y N 50 
TYR CD1  C Y N 51 
TYR CD2  C Y N 52 
TYR CE1  C Y N 53 
TYR CE2  C Y N 54 
TYR CZ   C Y N 55 
TYR OH   O N N 56 
TYR OXT  O N N 57 
TYR H    H N N 58 
TYR H2   H N N 59 
TYR HA   H N N 60 
TYR HB2  H N N 61 
TYR HB3  H N N 62 
TYR HD1  H N N 63 
TYR HD2  H N N 64 
TYR HE1  H N N 65 
TYR HE2  H N N 66 
TYR HH   H N N 67 
TYR HXT  H N N 68 
# 
loop_
_chem_comp_bond.comp_id 
_chem_comp_bond.atom_id_1 
_chem_comp_bond.atom_id_2 
_chem_comp_bond.value_order 
_chem_comp_bond.pdbx_aromatic_flag 
_chem_comp_bond.pdbx_stereo_config 
_chem_comp_bond.pdbx_ordinal 
ASN N   CA   sing N N 1  
ASN N   H    sing N N 2  
ASN N   H2   sing N N 3  
ASN CA  C    sing N N 4  
ASN CA  CB   sing N N 5  
ASN CA  HA   sing N N 6  
ASN C   O    doub N N 7  
ASN C   OXT  sing N N 8  
ASN CB  CG   sing N N 9  
ASN CB  HB2  sing N N 10 
ASN CB  HB3  sing N N 11 
ASN CG  OD1  doub N N 12 
ASN CG  ND2  sing N N 13 
ASN ND2 HD21 sing N N 14 
ASN ND2 HD22 sing N N 15 
ASN OXT HXT  sing N N 16 
GLY N   CA   sing N N 17 
GLY N   H    sing N N 18 
GLY N   H2   sing N N 19 
GLY CA  C    sing N N 20 
GLY CA  HA2  sing N N 21 
GLY CA  HA3  sing N N 22 
GLY C   O    doub N N 23 
GLY C   OXT  sing N N 24 
GLY OXT HXT  sing N N 25 
HOH O   H1   sing N N 26 
HOH O   H2   sing N N 27 
SER N   CA   sing N N 28 
SER N   H    sing N N 29 
SER N   H2   sing N N 30 
SER CA  C    sing N N 31 
SER CA  CB   sing N N 32 
SER CA  HA   sing N N 33 
SER C   O    doub N N 34 
SER C   OXT  sing N N 35 
SER CB  OG   sing N N 36 
SER CB  HB2  sing N N 37 
SER CB  HB3  sing N N 38 
SER OG  HG   sing N N 39 
SER OXT HXT  sing N N 40 
TYR N   CA   sing N N 41 
TYR N   H    sing N N 42 
TYR N   H2   sing N N 43 
TYR CA  C    sing N N 44 
TYR CA  CB   sing N N 45 
TYR CA  HA   sing N N 46 
TYR C   O    doub N N 47 
TYR C   OXT  sing N N 48 
TYR CB  CG   sing N N 49 
TYR CB  HB2  sing N N 50 
TYR CB  HB3  sing N N 51 
TYR CG  CD1  doub Y N 52 
TYR CG  CD2  sing Y N 53 
TYR CD1 CE1  sing Y N 54 
TYR CD1 HD1  sing N N 55 
TYR CD2 CE2  doub Y N 56 
TYR CD2 HD2  sing N N 57 
TYR CE1 CZ   doub Y N 58 
TYR CE1 HE1  sing N N 59 
TYR CE2 CZ   sing Y N 60 
TYR CE2 HE2  sing N N 61 
TYR CZ  OH   sing N N 62 
TYR OH  HH   sing N N 63 
TYR OXT HXT  sing N N 64 
# 
_pdbx_audit_support.funding_organization   'National Institutes of Health/National Institute on Aging (NIH/NIA)' 
_pdbx_audit_support.country                'United States' 
_pdbx_audit_support.grant_number           'NIH NIA AG029430' 
_pdbx_audit_support.ordinal                1 
# 
_pdbx_initial_refinement_model.accession_code   ? 
_pdbx_initial_refinement_model.id               1 
_pdbx_initial_refinement_model.entity_id_list   ? 
_pdbx_initial_refinement_model.type             'in silico model' 
_pdbx_initial_refinement_model.source_name      Other 
_pdbx_initial_refinement_model.details          'ideal 5-residue polyalanine beta-strand' 
# 
_atom_sites.entry_id                    5WIA 
_atom_sites.fract_transf_matrix[1][1]   -0.15820369 
_atom_sites.fract_transf_matrix[1][2]   0.03483840 
_atom_sites.fract_transf_matrix[1][3]   -0.13196612 
_atom_sites.fract_transf_matrix[2][1]   0.04178798 
_atom_sites.fract_transf_matrix[2][2]   0.01507444 
_atom_sites.fract_transf_matrix[2][3]   -0.04611671 
_atom_sites.fract_transf_matrix[3][1]   0.00070314 
_atom_sites.fract_transf_matrix[3][2]   -0.02353786 
_atom_sites.fract_transf_matrix[3][3]   -0.00705682 
_atom_sites.fract_transf_vector[1]      -0.309723 
_atom_sites.fract_transf_vector[2]      -0.110574 
_atom_sites.fract_transf_vector[3]      0.095714 
# 
loop_
_atom_type.symbol 
C 
N 
O 
# 
loop_
_atom_site.group_PDB 
_atom_site.id 
_atom_site.type_symbol 
_atom_site.label_atom_id 
_atom_site.label_alt_id 
_atom_site.label_comp_id 
_atom_site.label_asym_id 
_atom_site.label_entity_id 
_atom_site.label_seq_id 
_atom_site.pdbx_PDB_ins_code 
_atom_site.Cartn_x 
_atom_site.Cartn_y 
_atom_site.Cartn_z 
_atom_site.occupancy 
_atom_site.B_iso_or_equiv 
_atom_site.pdbx_formal_charge 
_atom_site.auth_seq_id 
_atom_site.auth_comp_id 
_atom_site.auth_asym_id 
_atom_site.auth_atom_id 
_atom_site.pdbx_PDB_model_num 
ATOM   1  N N   . GLY A 1 1 ? 1.318  -8.553 -1.842 1.00 5.52  ? 370 GLY A N   1 
ATOM   2  C CA  . GLY A 1 1 ? 0.205  -8.275 -0.953 1.00 5.34  ? 370 GLY A CA  1 
ATOM   3  C C   . GLY A 1 1 ? -0.461 -6.963 -1.298 1.00 3.65  ? 370 GLY A C   1 
ATOM   4  O O   . GLY A 1 1 ? -0.613 -6.635 -2.475 1.00 4.94  ? 370 GLY A O   1 
ATOM   5  N N   . ASN A 1 2 ? -0.864 -6.217 -0.272 1.00 2.06  ? 371 ASN A N   1 
ATOM   6  C CA  . ASN A 1 2 ? -1.482 -4.907 -0.449 1.00 3.10  ? 371 ASN A CA  1 
ATOM   7  C C   . ASN A 1 2 ? -0.485 -3.779 -0.216 1.00 3.36  ? 371 ASN A C   1 
ATOM   8  O O   . ASN A 1 2 ? 0.437  -3.914 0.597  1.00 5.13  ? 371 ASN A O   1 
ATOM   9  C CB  . ASN A 1 2 ? -2.665 -4.737 0.512  1.00 2.81  ? 371 ASN A CB  1 
ATOM   10 C CG  . ASN A 1 2 ? -3.872 -5.571 0.115  1.00 3.06  ? 371 ASN A CG  1 
ATOM   11 O OD1 . ASN A 1 2 ? -3.803 -6.399 -0.789 1.00 2.94  ? 371 ASN A OD1 1 
ATOM   12 N ND2 . ASN A 1 2 ? -4.999 -5.341 0.788  1.00 4.77  ? 371 ASN A ND2 1 
ATOM   13 N N   . ASN A 1 3 ? -0.677 -2.674 -0.933 1.00 2.39  ? 372 ASN A N   1 
ATOM   14 C CA  . ASN A 1 3 ? 0.164  -1.492 -0.797 1.00 2.52  ? 372 ASN A CA  1 
ATOM   15 C C   . ASN A 1 3 ? -0.653 -0.278 -0.398 1.00 1.65  ? 372 ASN A C   1 
ATOM   16 O O   . ASN A 1 3 ? -1.655 0.039  -1.046 1.00 2.88  ? 372 ASN A O   1 
ATOM   17 C CB  . ASN A 1 3 ? 0.876  -1.184 -2.113 1.00 2.88  ? 372 ASN A CB  1 
ATOM   18 C CG  . ASN A 1 3 ? 1.615  -2.381 -2.658 1.00 3.56  ? 372 ASN A CG  1 
ATOM   19 O OD1 . ASN A 1 3 ? 1.379  -2.811 -3.793 1.00 4.72  ? 372 ASN A OD1 1 
ATOM   20 N ND2 . ASN A 1 3 ? 2.497  -2.950 -1.844 1.00 3.85  ? 372 ASN A ND2 1 
ATOM   21 N N   . SER A 1 4 ? -0.224 0.388  0.670  1.00 1.69  ? 373 SER A N   1 
ATOM   22 C CA  . SER A 1 4 ? -0.789 1.667  1.072  1.00 1.97  ? 373 SER A CA  1 
ATOM   23 C C   . SER A 1 4 ? 0.314  2.706  1.025  1.00 2.01  ? 373 SER A C   1 
ATOM   24 O O   . SER A 1 4 ? 1.268  2.642  1.810  1.00 1.51  ? 373 SER A O   1 
ATOM   25 C CB  . SER A 1 4 ? -1.350 1.591  2.489  1.00 1.94  ? 373 SER A CB  1 
ATOM   26 O OG  . SER A 1 4 ? -2.551 0.851  2.511  1.00 2.49  ? 373 SER A OG  1 
ATOM   27 N N   . TYR A 1 5 ? 0.189  3.648  0.093  1.00 1.63  ? 374 TYR A N   1 
ATOM   28 C CA  . TYR A 1 5 ? 1.159  4.723  -0.074 1.00 1.17  ? 374 TYR A CA  1 
ATOM   29 C C   . TYR A 1 5 ? 0.498  6.061  0.218  1.00 2.01  ? 374 TYR A C   1 
ATOM   30 O O   . TYR A 1 5 ? -0.598 6.335  -0.276 1.00 2.01  ? 374 TYR A O   1 
ATOM   31 C CB  . TYR A 1 5 ? 1.651  4.809  -1.519 1.00 2.24  ? 374 TYR A CB  1 
ATOM   32 C CG  . TYR A 1 5 ? 2.432  3.647  -2.098 1.00 2.21  ? 374 TYR A CG  1 
ATOM   33 C CD1 . TYR A 1 5 ? 2.854  2.566  -1.333 1.00 3.08  ? 374 TYR A CD1 1 
ATOM   34 C CD2 . TYR A 1 5 ? 2.763  3.663  -3.446 1.00 3.48  ? 374 TYR A CD2 1 
ATOM   35 C CE1 . TYR A 1 5 ? 3.580  1.522  -1.922 1.00 2.74  ? 374 TYR A CE1 1 
ATOM   36 C CE2 . TYR A 1 5 ? 3.473  2.640  -4.034 1.00 5.44  ? 374 TYR A CE2 1 
ATOM   37 C CZ  . TYR A 1 5 ? 3.880  1.575  -3.275 1.00 4.82  ? 374 TYR A CZ  1 
ATOM   38 O OH  . TYR A 1 5 ? 4.596  0.561  -3.875 1.00 5.73  ? 374 TYR A OH  1 
ATOM   39 N N   . SER A 1 6 ? 1.185  6.908  0.981  1.00 1.81  ? 375 SER A N   1 
ATOM   40 C CA  . SER A 1 6 ? 0.743  8.284  1.201  1.00 3.83  ? 375 SER A CA  1 
ATOM   41 C C   . SER A 1 6 ? 1.949  9.185  1.445  1.00 4.71  ? 375 SER A C   1 
ATOM   42 O O   . SER A 1 6 ? 3.092  8.712  1.436  1.00 3.85  ? 375 SER A O   1 
ATOM   43 C CB  . SER A 1 6 ? -0.239 8.379  2.373  1.00 3.64  ? 375 SER A CB  1 
ATOM   44 O OG  . SER A 1 6 ? 0.420  8.191  3.618  1.00 3.11  ? 375 SER A OG  1 
ATOM   45 O OXT . SER A 1 6 ? 1.805  10.390 1.652  1.00 15.34 ? 375 SER A OXT 1 
HETATM 46 O O   . HOH B 2 . ? 2.449  -5.827 -1.666 1.00 15.34 ? 401 HOH A O   1 
# 
loop_
_atom_site_anisotrop.id 
_atom_site_anisotrop.type_symbol 
_atom_site_anisotrop.pdbx_label_atom_id 
_atom_site_anisotrop.pdbx_label_alt_id 
_atom_site_anisotrop.pdbx_label_comp_id 
_atom_site_anisotrop.pdbx_label_asym_id 
_atom_site_anisotrop.pdbx_label_seq_id 
_atom_site_anisotrop.pdbx_PDB_ins_code 
_atom_site_anisotrop.U[1][1] 
_atom_site_anisotrop.U[2][2] 
_atom_site_anisotrop.U[3][3] 
_atom_site_anisotrop.U[1][2] 
_atom_site_anisotrop.U[1][3] 
_atom_site_anisotrop.U[2][3] 
_atom_site_anisotrop.pdbx_auth_seq_id 
_atom_site_anisotrop.pdbx_auth_comp_id 
_atom_site_anisotrop.pdbx_auth_asym_id 
_atom_site_anisotrop.pdbx_auth_atom_id 
1  N N   . GLY A 1 ? 0.0769 0.0612 0.0719 0.0289  -0.0275 -0.0207 370 GLY A N   
2  C CA  . GLY A 1 ? 0.0645 0.0588 0.0797 0.0304  0.0059  -0.0199 370 GLY A CA  
3  C C   . GLY A 1 ? 0.0471 0.0386 0.0529 0.0252  0.0031  -0.0002 370 GLY A C   
4  O O   . GLY A 1 ? 0.0851 0.0537 0.0490 0.0352  0.0064  -0.0068 370 GLY A O   
5  N N   . ASN A 2 ? 0.0158 0.0244 0.0380 0.0077  -0.0062 0.0011  371 ASN A N   
6  C CA  . ASN A 2 ? 0.0506 0.0238 0.0433 0.0063  0.0035  -0.0029 371 ASN A CA  
7  C C   . ASN A 2 ? 0.0477 0.0292 0.0509 0.0174  -0.0141 0.0005  371 ASN A C   
8  O O   . ASN A 2 ? 0.0679 0.0350 0.0921 -0.0002 -0.0438 0.0056  371 ASN A O   
9  C CB  . ASN A 2 ? 0.0440 0.0329 0.0299 0.0177  0.0025  0.0083  371 ASN A CB  
10 C CG  . ASN A 2 ? 0.0564 0.0207 0.0392 0.0062  0.0098  0.0105  371 ASN A CG  
11 O OD1 . ASN A 2 ? 0.0551 0.0311 0.0254 -0.0218 0.0009  0.0032  371 ASN A OD1 
12 N ND2 . ASN A 2 ? 0.0907 0.0347 0.0556 0.0007  0.0280  0.0119  371 ASN A ND2 
13 N N   . ASN A 3 ? 0.0331 0.0214 0.0364 0.0043  0.0031  -0.0086 372 ASN A N   
14 C CA  . ASN A 3 ? 0.0375 0.0217 0.0365 -0.0082 0.0004  -0.0102 372 ASN A CA  
15 C C   . ASN A 3 ? 0.0209 0.0225 0.0194 0.0009  0.0031  -0.0015 372 ASN A C   
16 O O   . ASN A 3 ? 0.0399 0.0281 0.0412 0.0190  -0.0054 -0.0026 372 ASN A O   
17 C CB  . ASN A 3 ? 0.0454 0.0369 0.0273 -0.0021 0.0092  -0.0156 372 ASN A CB  
18 C CG  . ASN A 3 ? 0.0344 0.0482 0.0527 0.0074  0.0092  -0.0233 372 ASN A CG  
19 O OD1 . ASN A 3 ? 0.0578 0.0523 0.0692 0.0162  -0.0054 -0.0158 372 ASN A OD1 
20 N ND2 . ASN A 3 ? 0.0412 0.0576 0.0476 0.0225  -0.0131 -0.0263 372 ASN A ND2 
21 N N   . SER A 4 ? 0.0190 0.0231 0.0220 0.0078  0.0063  -0.0024 373 SER A N   
22 C CA  . SER A 4 ? 0.0347 0.0230 0.0170 0.0024  0.0037  0.0019  373 SER A CA  
23 C C   . SER A 4 ? 0.0225 0.0142 0.0394 -0.0026 0.0025  0.0063  373 SER A C   
24 O O   . SER A 4 ? 0.0070 0.0261 0.0244 -0.0027 -0.0008 0.0004  373 SER A O   
25 C CB  . SER A 4 ? 0.0191 0.0252 0.0295 -0.0109 0.0075  -0.0088 373 SER A CB  
26 O OG  . SER A 4 ? 0.0147 0.0380 0.0417 -0.0103 0.0028  0.0013  373 SER A OG  
27 N N   . TYR A 5 ? 0.0296 0.0231 0.0093 0.0018  0.0013  -0.0050 374 TYR A N   
28 C CA  . TYR A 5 ? 0.0144 0.0154 0.0145 -0.0029 0.0025  0.0022  374 TYR A CA  
29 C C   . TYR A 5 ? 0.0149 0.0261 0.0353 -0.0004 0.0109  0.0026  374 TYR A C   
30 O O   . TYR A 5 ? 0.0213 0.0263 0.0288 -0.0021 0.0088  -0.0011 374 TYR A O   
31 C CB  . TYR A 5 ? 0.0265 0.0206 0.0380 0.0044  0.0179  0.0032  374 TYR A CB  
32 C CG  . TYR A 5 ? 0.0162 0.0375 0.0302 -0.0031 0.0105  -0.0047 374 TYR A CG  
33 C CD1 . TYR A 5 ? 0.0266 0.0525 0.0381 -0.0011 -0.0017 -0.0216 374 TYR A CD1 
34 C CD2 . TYR A 5 ? 0.0597 0.0496 0.0231 0.0011  0.0163  -0.0038 374 TYR A CD2 
35 C CE1 . TYR A 5 ? 0.0290 0.0492 0.0258 0.0143  -0.0026 0.0002  374 TYR A CE1 
36 C CE2 . TYR A 5 ? 0.0471 0.0639 0.0956 0.0028  0.0261  -0.0165 374 TYR A CE2 
37 C CZ  . TYR A 5 ? 0.0386 0.0670 0.0777 0.0166  0.0102  -0.0222 374 TYR A CZ  
38 O OH  . TYR A 5 ? 0.0664 0.0871 0.0643 0.0314  0.0028  -0.0230 374 TYR A OH  
39 N N   . SER A 6 ? 0.0197 0.0231 0.0260 -0.0070 -0.0007 0.0090  375 SER A N   
40 C CA  . SER A 6 ? 0.0307 0.0512 0.0638 -0.0056 0.0053  0.0092  375 SER A CA  
41 C C   . SER A 6 ? 0.0383 0.0935 0.0473 -0.0061 -0.0180 0.0088  375 SER A C   
42 O O   . SER A 6 ? 0.0283 0.0674 0.0505 -0.0197 -0.0020 0.0106  375 SER A O   
43 C CB  . SER A 6 ? 0.0313 0.0431 0.0641 0.0142  0.0003  0.0087  375 SER A CB  
44 O OG  . SER A 6 ? 0.0245 0.0425 0.0513 0.0044  0.0033  0.0004  375 SER A OG  
45 O OXT . SER A 6 ? 0.1811 0.1935 0.2082 0.0096  0.0166  -0.0121 375 SER A OXT 
46 O O   . HOH B . ? 0.1722 0.1660 0.2447 -0.0129 0.0100  0.0259  401 HOH A O   
# 
